data_4XG4
#
_entry.id   4XG4
#
_cell.length_a   40.219
_cell.length_b   85.056
_cell.length_c   41.749
_cell.angle_alpha   90.00
_cell.angle_beta   98.80
_cell.angle_gamma   90.00
#
_symmetry.space_group_name_H-M   'P 1 21 1'
#
loop_
_entity.id
_entity.type
_entity.pdbx_description
1 polymer 'Tyrosine-protein kinase SYK'
2 non-polymer (3R)-1-{[1-(5-fluoro-2-{[4-(2-hydroxyethoxy)-3,5-dimethylphenyl]amino}pyrimidin-4-yl)-4-methyl-1H-pyrrol-3-yl]methyl}pyrrolidin-3-ol
3 water water
#
_entity_poly.entity_id   1
_entity_poly.type   'polypeptide(L)'
_entity_poly.pdbx_seq_one_letter_code
;EEIRPKEVYLDRKLLTLEDKELGSGNFGTVKKGYYQMKKVVKTVAVKILKNEANDPALKDELLAEANVMQQLDNPYIVRM
IGICEAESWMLVMEMAELGPLNKYLQQNRHVKDKNIIELVHQVSMGMKYLEESNFVHRDLAARNVLLVTQHYAKISDFGL
SKALRADENYYKAQTHGKWPVKWYAPECINYYKFSSKSDVWSFGVLMWEAFSYGQKPYRGMKGSEVTAMLEKGERMGCPA
GCPREMYDLMNLCWTYDVENRPGFAAVELRLRNYYYDVVNLEHHHHHHHH
;
_entity_poly.pdbx_strand_id   A
#
loop_
_chem_comp.id
_chem_comp.type
_chem_comp.name
_chem_comp.formula
X4G non-polymer (3R)-1-{[1-(5-fluoro-2-{[4-(2-hydroxyethoxy)-3,5-dimethylphenyl]amino}pyrimidin-4-yl)-4-methyl-1H-pyrrol-3-yl]methyl}pyrrolidin-3-ol 'C24 H30 F N5 O3'
#
# COMPACT_ATOMS: atom_id res chain seq x y z
N VAL A 8 6.68 -1.51 22.97
CA VAL A 8 6.03 -2.46 21.98
C VAL A 8 4.76 -3.15 22.53
N TYR A 9 4.78 -3.53 23.81
CA TYR A 9 3.63 -4.22 24.44
C TYR A 9 2.77 -3.24 25.20
N LEU A 10 1.49 -3.18 24.83
CA LEU A 10 0.55 -2.16 25.32
C LEU A 10 -0.39 -2.68 26.40
N ASP A 11 -0.78 -1.77 27.29
CA ASP A 11 -1.68 -2.07 28.40
C ASP A 11 -3.11 -2.09 27.89
N ARG A 12 -3.79 -3.23 28.06
CA ARG A 12 -5.17 -3.43 27.58
C ARG A 12 -6.17 -2.51 28.25
N LYS A 13 -5.92 -2.16 29.51
CA LYS A 13 -6.82 -1.29 30.28
C LYS A 13 -6.71 0.20 29.89
N LEU A 14 -5.67 0.56 29.13
CA LEU A 14 -5.57 1.88 28.51
C LEU A 14 -6.21 1.94 27.10
N LEU A 15 -6.82 0.85 26.63
CA LEU A 15 -7.42 0.77 25.29
C LEU A 15 -8.94 0.63 25.36
N THR A 16 -9.65 1.52 24.67
CA THR A 16 -11.11 1.46 24.51
C THR A 16 -11.42 1.24 23.03
N LEU A 17 -12.13 0.15 22.73
CA LEU A 17 -12.50 -0.21 21.36
C LEU A 17 -13.97 0.11 21.10
N GLU A 18 -14.25 0.77 19.98
CA GLU A 18 -15.63 1.07 19.60
C GLU A 18 -16.29 -0.19 19.03
N ASP A 19 -17.56 -0.41 19.39
CA ASP A 19 -18.31 -1.59 18.96
C ASP A 19 -18.53 -1.63 17.45
N LYS A 20 -18.63 -0.46 16.82
CA LYS A 20 -18.66 -0.36 15.36
C LYS A 20 -17.37 -0.93 14.74
N GLU A 21 -17.53 -1.95 13.91
CA GLU A 21 -16.42 -2.49 13.12
C GLU A 21 -16.04 -1.50 12.01
N LEU A 22 -14.78 -1.54 11.60
CA LEU A 22 -14.26 -0.74 10.51
C LEU A 22 -14.03 -1.59 9.25
N GLY A 23 -13.45 -2.78 9.41
CA GLY A 23 -13.24 -3.73 8.30
C GLY A 23 -13.03 -5.17 8.74
N SER A 24 -13.24 -6.10 7.81
CA SER A 24 -13.17 -7.56 8.06
C SER A 24 -12.22 -8.28 7.11
N GLY A 25 -12.00 -9.56 7.38
CA GLY A 25 -11.11 -10.41 6.58
C GLY A 25 -10.85 -11.74 7.29
N ASN A 26 -10.08 -12.61 6.66
CA ASN A 26 -9.87 -14.00 7.17
C ASN A 26 -8.95 -14.15 8.42
N PHE A 27 -8.43 -13.02 8.88
CA PHE A 27 -7.66 -12.87 10.13
C PHE A 27 -8.57 -12.56 11.34
N GLY A 28 -9.67 -11.87 11.07
CA GLY A 28 -10.55 -11.33 12.09
C GLY A 28 -11.16 -10.02 11.62
N THR A 29 -10.96 -8.95 12.38
CA THR A 29 -11.52 -7.63 12.06
C THR A 29 -10.50 -6.51 12.30
N VAL A 30 -10.89 -5.30 11.91
CA VAL A 30 -10.17 -4.08 12.28
C VAL A 30 -11.21 -3.15 12.89
N LYS A 31 -10.87 -2.50 14.01
CA LYS A 31 -11.79 -1.61 14.71
C LYS A 31 -11.11 -0.30 15.12
N LYS A 32 -11.93 0.74 15.20
CA LYS A 32 -11.47 2.04 15.68
C LYS A 32 -11.48 2.01 17.20
N GLY A 33 -10.61 2.81 17.82
CA GLY A 33 -10.53 2.89 19.26
C GLY A 33 -9.62 4.02 19.72
N TYR A 34 -9.32 4.02 21.01
CA TYR A 34 -8.57 5.08 21.66
C TYR A 34 -7.53 4.48 22.57
N TYR A 35 -6.29 4.93 22.46
CA TYR A 35 -5.24 4.51 23.39
C TYR A 35 -4.79 5.69 24.25
N GLN A 36 -4.94 5.54 25.56
CA GLN A 36 -4.56 6.58 26.51
C GLN A 36 -3.05 6.66 26.63
N MET A 37 -2.50 7.83 26.31
CA MET A 37 -1.09 8.14 26.55
C MET A 37 -0.98 8.90 27.88
N LYS A 38 0.20 9.46 28.17
CA LYS A 38 0.47 10.14 29.45
C LYS A 38 -0.60 11.20 29.80
N LYS A 39 -0.80 12.17 28.91
CA LYS A 39 -1.83 13.21 29.08
C LYS A 39 -2.85 13.32 27.95
N VAL A 40 -2.59 12.71 26.79
CA VAL A 40 -3.53 12.77 25.65
C VAL A 40 -4.00 11.38 25.23
N VAL A 41 -5.19 11.35 24.64
CA VAL A 41 -5.77 10.15 24.08
C VAL A 41 -5.43 10.13 22.59
N LYS A 42 -5.00 8.97 22.09
CA LYS A 42 -4.70 8.80 20.67
C LYS A 42 -5.73 7.89 20.04
N THR A 43 -6.39 8.38 19.00
CA THR A 43 -7.29 7.57 18.19
C THR A 43 -6.48 6.55 17.40
N VAL A 44 -6.94 5.30 17.39
CA VAL A 44 -6.20 4.19 16.78
C VAL A 44 -7.07 3.26 15.92
N ALA A 45 -6.40 2.59 14.98
CA ALA A 45 -6.96 1.46 14.26
C ALA A 45 -6.37 0.19 14.85
N VAL A 46 -7.23 -0.74 15.25
CA VAL A 46 -6.78 -2.00 15.88
C VAL A 46 -7.19 -3.20 15.05
N LYS A 47 -6.19 -3.94 14.57
CA LYS A 47 -6.42 -5.19 13.87
C LYS A 47 -6.51 -6.30 14.91
N ILE A 48 -7.70 -6.89 15.05
CA ILE A 48 -8.01 -7.87 16.10
C ILE A 48 -8.05 -9.28 15.52
N LEU A 49 -7.27 -10.17 16.11
CA LEU A 49 -7.17 -11.56 15.66
C LEU A 49 -8.34 -12.40 16.20
N LYS A 50 -8.94 -13.23 15.35
CA LYS A 50 -10.02 -14.16 15.78
C LYS A 50 -9.63 -15.05 16.97
N PRO A 56 -6.09 -21.05 12.96
CA PRO A 56 -5.01 -21.98 13.27
C PRO A 56 -3.61 -21.41 12.95
N ALA A 57 -2.83 -21.12 13.99
CA ALA A 57 -1.43 -20.62 13.88
C ALA A 57 -1.21 -19.40 12.95
N LEU A 58 -2.25 -18.58 12.80
CA LEU A 58 -2.17 -17.30 12.07
C LEU A 58 -1.79 -16.16 13.04
N LYS A 59 -1.66 -16.48 14.33
CA LYS A 59 -0.97 -15.66 15.32
C LYS A 59 0.38 -15.12 14.84
N ASP A 60 1.20 -16.00 14.28
CA ASP A 60 2.57 -15.65 13.86
C ASP A 60 2.60 -14.70 12.67
N GLU A 61 1.53 -14.72 11.86
CA GLU A 61 1.34 -13.78 10.76
C GLU A 61 1.26 -12.34 11.28
N LEU A 62 0.44 -12.12 12.31
CA LEU A 62 0.26 -10.82 12.93
C LEU A 62 1.55 -10.30 13.57
N LEU A 63 2.24 -11.19 14.30
CA LEU A 63 3.51 -10.82 14.91
C LEU A 63 4.57 -10.43 13.86
N ALA A 64 4.55 -11.11 12.72
CA ALA A 64 5.46 -10.79 11.61
C ALA A 64 5.15 -9.40 11.03
N GLU A 65 3.86 -9.12 10.87
CA GLU A 65 3.36 -7.83 10.41
C GLU A 65 3.83 -6.72 11.36
N ALA A 66 3.50 -6.88 12.63
CA ALA A 66 3.99 -5.99 13.70
C ALA A 66 5.51 -5.87 13.71
N ASN A 67 6.21 -6.99 13.54
CA ASN A 67 7.67 -6.98 13.46
C ASN A 67 8.20 -6.14 12.29
N VAL A 68 7.52 -6.21 11.14
CA VAL A 68 7.85 -5.34 10.01
C VAL A 68 7.56 -3.87 10.34
N MET A 69 6.39 -3.61 10.92
CA MET A 69 5.93 -2.23 11.17
C MET A 69 6.77 -1.52 12.23
N GLN A 70 7.24 -2.28 13.22
CA GLN A 70 8.10 -1.75 14.29
C GLN A 70 9.40 -1.16 13.77
N GLN A 71 9.91 -1.70 12.67
CA GLN A 71 11.16 -1.22 12.08
C GLN A 71 11.01 -0.02 11.15
N LEU A 72 9.79 0.29 10.74
CA LEU A 72 9.54 1.36 9.76
C LEU A 72 9.19 2.68 10.44
N ASP A 73 9.75 3.77 9.91
CA ASP A 73 9.64 5.09 10.49
C ASP A 73 9.72 6.14 9.37
N ASN A 74 8.55 6.48 8.86
CA ASN A 74 8.38 7.36 7.71
C ASN A 74 6.98 8.00 7.79
N PRO A 75 6.84 9.27 7.38
CA PRO A 75 5.51 9.91 7.35
C PRO A 75 4.44 9.25 6.43
N TYR A 76 4.88 8.56 5.38
CA TYR A 76 3.96 8.00 4.37
C TYR A 76 3.74 6.49 4.54
N ILE A 77 4.01 6.01 5.75
CA ILE A 77 3.77 4.65 6.18
C ILE A 77 2.95 4.75 7.47
N VAL A 78 1.93 3.93 7.56
CA VAL A 78 1.13 3.81 8.79
C VAL A 78 1.98 3.32 9.97
N ARG A 79 1.95 4.07 11.06
CA ARG A 79 2.73 3.78 12.27
C ARG A 79 2.05 2.77 13.16
N MET A 80 2.85 1.84 13.67
CA MET A 80 2.44 0.93 14.70
C MET A 80 2.63 1.61 16.04
N ILE A 81 1.61 1.58 16.88
CA ILE A 81 1.72 2.03 18.27
C ILE A 81 2.26 0.88 19.13
N GLY A 82 1.69 -0.31 18.95
CA GLY A 82 2.20 -1.52 19.61
C GLY A 82 1.34 -2.75 19.40
N ILE A 83 1.61 -3.77 20.22
CA ILE A 83 0.81 -5.01 20.28
C ILE A 83 0.11 -5.09 21.63
N CYS A 84 -1.08 -5.68 21.64
CA CYS A 84 -1.82 -5.96 22.87
C CYS A 84 -2.27 -7.42 22.88
N GLU A 85 -1.99 -8.12 23.97
CA GLU A 85 -2.45 -9.49 24.19
C GLU A 85 -3.52 -9.48 25.28
N ALA A 86 -4.77 -9.75 24.90
CA ALA A 86 -5.88 -9.81 25.86
C ALA A 86 -7.18 -10.17 25.15
N GLU A 87 -7.75 -11.33 25.48
CA GLU A 87 -8.96 -11.87 24.82
C GLU A 87 -8.64 -12.35 23.40
N SER A 88 -7.92 -11.50 22.65
CA SER A 88 -7.29 -11.88 21.41
C SER A 88 -6.03 -11.05 21.22
N TRP A 89 -5.23 -11.44 20.24
CA TRP A 89 -4.08 -10.65 19.81
C TRP A 89 -4.58 -9.44 19.01
N MET A 90 -3.87 -8.33 19.17
CA MET A 90 -4.29 -7.02 18.65
C MET A 90 -3.10 -6.20 18.21
N LEU A 91 -3.12 -5.75 16.96
CA LEU A 91 -2.09 -4.84 16.43
C LEU A 91 -2.63 -3.41 16.41
N VAL A 92 -2.06 -2.54 17.24
CA VAL A 92 -2.54 -1.17 17.39
C VAL A 92 -1.74 -0.22 16.51
N MET A 93 -2.45 0.50 15.65
CA MET A 93 -1.85 1.43 14.69
C MET A 93 -2.51 2.81 14.81
N GLU A 94 -1.81 3.84 14.32
CA GLU A 94 -2.36 5.18 14.26
C GLU A 94 -3.52 5.22 13.26
N MET A 95 -4.45 6.14 13.48
CA MET A 95 -5.68 6.23 12.69
C MET A 95 -5.55 7.19 11.49
N ALA A 96 -5.90 6.68 10.31
CA ALA A 96 -6.04 7.47 9.09
C ALA A 96 -7.55 7.60 8.83
N GLU A 97 -8.12 8.75 9.20
CA GLU A 97 -9.58 8.88 9.30
C GLU A 97 -10.37 8.75 7.98
N LEU A 98 -9.83 9.27 6.89
CA LEU A 98 -10.51 9.22 5.56
C LEU A 98 -10.51 7.85 4.87
N GLY A 99 -9.68 6.90 5.30
CA GLY A 99 -9.77 5.53 4.81
C GLY A 99 -9.13 5.31 3.45
N PRO A 100 -9.41 4.15 2.81
CA PRO A 100 -8.73 3.75 1.57
C PRO A 100 -8.80 4.76 0.43
N LEU A 101 -7.73 4.85 -0.35
CA LEU A 101 -7.60 5.84 -1.42
C LEU A 101 -8.67 5.61 -2.50
N ASN A 102 -8.85 4.36 -2.90
CA ASN A 102 -9.78 4.06 -3.99
C ASN A 102 -11.23 4.37 -3.65
N LYS A 103 -11.67 4.02 -2.44
CA LYS A 103 -13.03 4.35 -2.00
C LYS A 103 -13.22 5.87 -1.89
N TYR A 104 -12.22 6.55 -1.34
CA TYR A 104 -12.28 8.01 -1.22
C TYR A 104 -12.45 8.65 -2.58
N LEU A 105 -11.66 8.21 -3.54
CA LEU A 105 -11.71 8.80 -4.88
C LEU A 105 -13.00 8.49 -5.63
N GLN A 106 -13.53 7.28 -5.47
CA GLN A 106 -14.86 6.90 -5.97
C GLN A 106 -15.94 7.90 -5.55
N GLN A 107 -15.88 8.33 -4.29
CA GLN A 107 -16.92 9.20 -3.73
C GLN A 107 -16.57 10.70 -3.77
N ASN A 108 -15.39 11.05 -4.29
CA ASN A 108 -14.93 12.43 -4.40
C ASN A 108 -14.30 12.72 -5.75
N ARG A 109 -15.14 12.76 -6.77
CA ARG A 109 -14.73 12.89 -8.18
C ARG A 109 -14.21 14.26 -8.54
N HIS A 110 -14.63 15.25 -7.77
CA HIS A 110 -14.11 16.61 -7.84
C HIS A 110 -12.63 16.78 -7.55
N VAL A 111 -12.02 15.78 -6.88
CA VAL A 111 -10.57 15.82 -6.60
C VAL A 111 -9.79 16.02 -7.90
N LYS A 112 -8.83 16.93 -7.88
CA LYS A 112 -8.13 17.36 -9.09
C LYS A 112 -6.84 16.57 -9.34
N ASP A 113 -6.51 16.38 -10.62
CA ASP A 113 -5.30 15.65 -11.02
C ASP A 113 -4.05 16.04 -10.21
N LYS A 114 -3.89 17.34 -9.94
CA LYS A 114 -2.81 17.88 -9.11
C LYS A 114 -2.79 17.31 -7.68
N ASN A 115 -3.99 17.13 -7.10
CA ASN A 115 -4.18 16.49 -5.80
C ASN A 115 -3.82 14.99 -5.86
N ILE A 116 -4.25 14.31 -6.92
CA ILE A 116 -3.95 12.89 -7.12
C ILE A 116 -2.44 12.69 -7.28
N ILE A 117 -1.81 13.57 -8.06
CA ILE A 117 -0.35 13.55 -8.24
C ILE A 117 0.33 13.65 -6.88
N GLU A 118 -0.07 14.65 -6.11
CA GLU A 118 0.40 14.84 -4.72
C GLU A 118 0.37 13.54 -3.92
N LEU A 119 -0.79 12.86 -3.94
CA LEU A 119 -0.99 11.63 -3.18
C LEU A 119 -0.12 10.47 -3.68
N VAL A 120 -0.05 10.28 -5.00
CA VAL A 120 0.77 9.18 -5.56
C VAL A 120 2.26 9.45 -5.36
N HIS A 121 2.67 10.71 -5.42
CA HIS A 121 4.02 11.08 -5.05
C HIS A 121 4.35 10.70 -3.60
N GLN A 122 3.41 11.00 -2.69
CA GLN A 122 3.58 10.65 -1.28
C GLN A 122 3.80 9.15 -1.11
N VAL A 123 2.99 8.37 -1.85
CA VAL A 123 3.12 6.91 -1.84
C VAL A 123 4.49 6.49 -2.40
N SER A 124 4.96 7.18 -3.44
CA SER A 124 6.29 6.90 -4.02
C SER A 124 7.43 7.21 -3.04
N MET A 125 7.26 8.25 -2.22
CA MET A 125 8.23 8.55 -1.16
C MET A 125 8.25 7.44 -0.11
N GLY A 126 7.08 7.04 0.34
CA GLY A 126 6.98 5.94 1.31
C GLY A 126 7.60 4.65 0.79
N MET A 127 7.42 4.40 -0.50
CA MET A 127 7.94 3.18 -1.13
C MET A 127 9.44 3.24 -1.40
N LYS A 128 9.94 4.43 -1.73
CA LYS A 128 11.38 4.70 -1.80
C LYS A 128 12.07 4.43 -0.45
N TYR A 129 11.49 4.92 0.63
CA TYR A 129 11.98 4.61 1.98
C TYR A 129 11.96 3.11 2.24
N LEU A 130 10.86 2.46 1.87
CA LEU A 130 10.71 1.01 2.04
C LEU A 130 11.74 0.23 1.20
N GLU A 131 12.01 0.74 0.01
CA GLU A 131 13.04 0.17 -0.86
C GLU A 131 14.42 0.29 -0.22
N GLU A 132 14.75 1.47 0.31
CA GLU A 132 16.03 1.69 1.00
C GLU A 132 16.18 0.80 2.22
N SER A 133 15.07 0.55 2.90
CA SER A 133 15.06 -0.33 4.06
C SER A 133 15.04 -1.81 3.69
N ASN A 134 15.06 -2.11 2.39
CA ASN A 134 15.10 -3.47 1.88
C ASN A 134 13.95 -4.35 2.35
N PHE A 135 12.76 -3.74 2.34
CA PHE A 135 11.51 -4.44 2.58
C PHE A 135 10.76 -4.45 1.28
N VAL A 136 10.11 -5.59 1.00
CA VAL A 136 9.18 -5.71 -0.12
C VAL A 136 7.77 -5.70 0.43
N HIS A 137 6.88 -4.87 -0.14
CA HIS A 137 5.51 -4.74 0.36
C HIS A 137 4.68 -5.95 -0.06
N ARG A 138 4.70 -6.28 -1.35
CA ARG A 138 4.02 -7.46 -1.93
C ARG A 138 2.48 -7.40 -1.96
N ASP A 139 1.93 -6.21 -1.76
CA ASP A 139 0.48 -5.99 -1.76
C ASP A 139 0.15 -4.52 -1.92
N LEU A 140 0.93 -3.83 -2.74
CA LEU A 140 0.75 -2.41 -2.92
C LEU A 140 -0.42 -2.22 -3.88
N ALA A 141 -1.50 -1.64 -3.36
CA ALA A 141 -2.69 -1.35 -4.15
C ALA A 141 -3.39 -0.14 -3.54
N ALA A 142 -4.22 0.55 -4.33
CA ALA A 142 -4.94 1.75 -3.86
C ALA A 142 -5.78 1.52 -2.60
N ARG A 143 -6.33 0.32 -2.44
CA ARG A 143 -7.01 -0.06 -1.19
C ARG A 143 -6.12 -0.03 0.05
N ASN A 144 -4.82 -0.23 -0.16
CA ASN A 144 -3.83 -0.23 0.92
C ASN A 144 -3.05 1.08 1.02
N VAL A 145 -3.65 2.15 0.52
CA VAL A 145 -3.22 3.51 0.77
C VAL A 145 -4.36 4.20 1.53
N LEU A 146 -4.05 4.68 2.73
CA LEU A 146 -5.06 5.25 3.62
C LEU A 146 -4.80 6.73 3.77
N LEU A 147 -5.88 7.51 3.78
CA LEU A 147 -5.77 8.96 3.78
C LEU A 147 -5.97 9.52 5.19
N VAL A 148 -4.99 10.31 5.64
CA VAL A 148 -5.09 11.04 6.91
C VAL A 148 -5.91 12.30 6.62
N THR A 149 -5.55 13.00 5.54
CA THR A 149 -6.35 14.09 4.98
C THR A 149 -6.46 13.85 3.48
N GLN A 150 -7.22 14.72 2.81
CA GLN A 150 -7.23 14.76 1.35
C GLN A 150 -5.84 14.99 0.72
N HIS A 151 -4.90 15.53 1.49
CA HIS A 151 -3.55 15.84 1.02
C HIS A 151 -2.45 15.10 1.79
N TYR A 152 -2.81 14.00 2.46
CA TYR A 152 -1.84 13.21 3.24
C TYR A 152 -2.20 11.72 3.22
N ALA A 153 -1.39 10.91 2.55
CA ALA A 153 -1.61 9.48 2.33
C ALA A 153 -0.53 8.65 3.02
N LYS A 154 -0.93 7.50 3.55
CA LYS A 154 -0.02 6.56 4.18
C LYS A 154 -0.24 5.14 3.63
N ILE A 155 0.85 4.40 3.49
CA ILE A 155 0.83 3.01 3.06
C ILE A 155 0.51 2.13 4.27
N SER A 156 -0.44 1.21 4.06
CA SER A 156 -0.89 0.30 5.09
C SER A 156 -0.69 -1.14 4.64
N ASP A 157 -1.07 -2.06 5.53
CA ASP A 157 -1.24 -3.47 5.22
C ASP A 157 0.07 -4.14 4.81
N PHE A 158 0.90 -4.37 5.84
CA PHE A 158 2.18 -5.05 5.71
C PHE A 158 2.11 -6.56 6.04
N GLY A 159 0.92 -7.15 5.96
CA GLY A 159 0.72 -8.57 6.22
C GLY A 159 1.46 -9.53 5.29
N LEU A 160 1.77 -9.08 4.07
CA LEU A 160 2.53 -9.88 3.10
C LEU A 160 3.96 -9.41 2.91
N SER A 161 4.40 -8.44 3.72
CA SER A 161 5.72 -7.85 3.53
C SER A 161 6.82 -8.76 4.07
N LYS A 162 8.02 -8.61 3.48
CA LYS A 162 9.19 -9.42 3.83
C LYS A 162 10.40 -8.53 3.87
N ALA A 163 11.25 -8.74 4.88
CA ALA A 163 12.55 -8.08 4.96
C ALA A 163 13.52 -8.87 4.09
N LEU A 164 14.12 -8.22 3.09
CA LEU A 164 15.07 -8.91 2.24
C LEU A 164 16.34 -9.22 3.01
N ARG A 165 16.95 -10.35 2.71
CA ARG A 165 18.27 -10.68 3.23
C ARG A 165 19.32 -9.67 2.74
N ALA A 166 20.36 -9.48 3.54
CA ALA A 166 21.47 -8.59 3.18
C ALA A 166 22.18 -8.95 1.87
N ASP A 167 22.07 -10.19 1.42
CA ASP A 167 22.73 -10.67 0.18
C ASP A 167 21.80 -10.87 -1.05
N GLU A 168 20.49 -10.80 -0.85
CA GLU A 168 19.51 -10.98 -1.92
C GLU A 168 18.77 -9.68 -2.20
N ASN A 169 18.36 -9.49 -3.45
CA ASN A 169 17.51 -8.36 -3.85
C ASN A 169 16.07 -8.82 -4.18
N TYR A 170 15.73 -10.06 -3.83
CA TYR A 170 14.36 -10.55 -3.99
C TYR A 170 14.00 -11.61 -2.96
N TYR A 171 12.69 -11.85 -2.84
CA TYR A 171 12.13 -12.88 -1.97
C TYR A 171 11.40 -13.91 -2.84
N LYS A 172 11.71 -15.18 -2.60
CA LYS A 172 11.15 -16.30 -3.32
C LYS A 172 10.05 -16.92 -2.47
N ALA A 173 8.83 -16.96 -2.99
CA ALA A 173 7.69 -17.49 -2.23
C ALA A 173 7.71 -19.03 -2.19
N LYS A 178 -2.82 -17.37 -2.57
CA LYS A 178 -3.92 -16.43 -2.71
C LYS A 178 -3.38 -15.01 -2.96
N TRP A 179 -3.23 -14.68 -4.24
CA TRP A 179 -2.45 -13.55 -4.69
C TRP A 179 -3.32 -12.52 -5.42
N PRO A 180 -3.10 -11.22 -5.16
CA PRO A 180 -3.75 -10.18 -5.97
C PRO A 180 -3.06 -10.08 -7.35
N VAL A 181 -3.40 -11.02 -8.23
CA VAL A 181 -2.72 -11.22 -9.51
C VAL A 181 -2.70 -9.95 -10.38
N LYS A 182 -3.76 -9.14 -10.28
CA LYS A 182 -3.89 -7.91 -11.06
C LYS A 182 -2.87 -6.81 -10.69
N TRP A 183 -2.30 -6.90 -9.49
CA TRP A 183 -1.25 -5.99 -9.05
C TRP A 183 0.16 -6.53 -9.22
N TYR A 184 0.29 -7.76 -9.71
CA TYR A 184 1.55 -8.49 -9.70
C TYR A 184 2.31 -8.40 -11.00
N ALA A 185 3.64 -8.29 -10.88
CA ALA A 185 4.52 -8.27 -12.03
C ALA A 185 4.64 -9.68 -12.64
N PRO A 186 5.01 -9.76 -13.93
CA PRO A 186 5.17 -11.07 -14.56
C PRO A 186 6.08 -12.02 -13.79
N GLU A 187 7.26 -11.54 -13.37
CA GLU A 187 8.21 -12.35 -12.63
C GLU A 187 7.68 -12.92 -11.30
N CYS A 188 6.69 -12.24 -10.70
CA CYS A 188 5.98 -12.79 -9.54
C CYS A 188 5.16 -13.99 -9.90
N ILE A 189 4.46 -13.89 -11.03
CA ILE A 189 3.59 -14.96 -11.51
C ILE A 189 4.46 -16.10 -12.05
N ASN A 190 5.44 -15.76 -12.87
CA ASN A 190 6.22 -16.76 -13.62
C ASN A 190 7.30 -17.44 -12.79
N TYR A 191 7.89 -16.69 -11.84
CA TYR A 191 9.01 -17.17 -11.03
C TYR A 191 8.84 -17.03 -9.52
N TYR A 192 7.68 -16.55 -9.05
CA TYR A 192 7.43 -16.38 -7.62
C TYR A 192 8.47 -15.45 -6.96
N LYS A 193 8.98 -14.49 -7.74
CA LYS A 193 10.09 -13.61 -7.30
C LYS A 193 9.61 -12.19 -7.00
N PHE A 194 9.76 -11.77 -5.74
CA PHE A 194 9.23 -10.49 -5.26
C PHE A 194 10.35 -9.59 -4.83
N SER A 195 10.41 -8.43 -5.47
CA SER A 195 11.45 -7.45 -5.23
C SER A 195 10.81 -6.06 -5.15
N SER A 196 11.64 -5.06 -4.89
CA SER A 196 11.18 -3.68 -4.93
C SER A 196 10.79 -3.22 -6.34
N LYS A 197 11.42 -3.77 -7.37
CA LYS A 197 10.97 -3.57 -8.77
C LYS A 197 9.58 -4.18 -9.01
N SER A 198 9.26 -5.29 -8.37
CA SER A 198 7.89 -5.83 -8.47
C SER A 198 6.88 -4.99 -7.68
N ASP A 199 7.30 -4.38 -6.57
CA ASP A 199 6.49 -3.34 -5.94
C ASP A 199 6.25 -2.16 -6.88
N VAL A 200 7.26 -1.81 -7.69
CA VAL A 200 7.14 -0.76 -8.70
C VAL A 200 6.03 -1.08 -9.71
N TRP A 201 5.93 -2.34 -10.14
CA TRP A 201 4.87 -2.77 -11.05
C TRP A 201 3.51 -2.48 -10.42
N SER A 202 3.35 -2.90 -9.17
CA SER A 202 2.12 -2.71 -8.44
C SER A 202 1.75 -1.23 -8.28
N PHE A 203 2.77 -0.40 -8.06
CA PHE A 203 2.59 1.05 -7.98
C PHE A 203 2.02 1.63 -9.28
N GLY A 204 2.47 1.13 -10.42
CA GLY A 204 1.87 1.51 -11.71
C GLY A 204 0.38 1.23 -11.73
N VAL A 205 -0.02 0.08 -11.20
CA VAL A 205 -1.41 -0.30 -11.16
C VAL A 205 -2.13 0.62 -10.19
N LEU A 206 -1.51 0.85 -9.03
CA LEU A 206 -2.02 1.78 -8.04
C LEU A 206 -2.26 3.17 -8.66
N MET A 207 -1.28 3.67 -9.42
CA MET A 207 -1.43 4.95 -10.12
C MET A 207 -2.62 4.94 -11.05
N TRP A 208 -2.76 3.90 -11.87
CA TRP A 208 -3.91 3.74 -12.76
C TRP A 208 -5.22 3.81 -12.00
N GLU A 209 -5.29 3.11 -10.87
CA GLU A 209 -6.48 3.17 -10.01
C GLU A 209 -6.77 4.58 -9.53
N ALA A 210 -5.75 5.25 -9.01
CA ALA A 210 -5.91 6.61 -8.51
C ALA A 210 -6.46 7.55 -9.58
N PHE A 211 -5.84 7.54 -10.75
CA PHE A 211 -6.29 8.39 -11.86
C PHE A 211 -7.58 7.93 -12.52
N SER A 212 -8.02 6.72 -12.22
CA SER A 212 -9.35 6.25 -12.60
C SER A 212 -10.40 6.48 -11.49
N TYR A 213 -10.04 7.25 -10.47
CA TYR A 213 -10.92 7.47 -9.31
C TYR A 213 -11.46 6.19 -8.68
N GLY A 214 -10.54 5.26 -8.42
CA GLY A 214 -10.84 4.06 -7.67
C GLY A 214 -11.53 2.96 -8.45
N GLN A 215 -11.46 3.04 -9.78
CA GLN A 215 -11.92 1.95 -10.64
C GLN A 215 -11.01 0.73 -10.47
N LYS A 216 -11.60 -0.45 -10.62
CA LYS A 216 -10.86 -1.72 -10.60
C LYS A 216 -10.01 -1.84 -11.86
N PRO A 217 -8.75 -2.29 -11.73
CA PRO A 217 -7.94 -2.60 -12.90
C PRO A 217 -8.44 -3.87 -13.58
N TYR A 218 -8.17 -4.02 -14.87
CA TYR A 218 -8.56 -5.20 -15.64
C TYR A 218 -9.99 -5.65 -15.32
N ARG A 219 -10.94 -4.73 -15.46
CA ARG A 219 -12.36 -5.00 -15.18
C ARG A 219 -12.89 -6.24 -15.90
N GLY A 220 -13.49 -7.15 -15.13
CA GLY A 220 -14.15 -8.34 -15.66
C GLY A 220 -13.24 -9.46 -16.15
N MET A 221 -11.94 -9.36 -15.93
CA MET A 221 -10.96 -10.32 -16.47
C MET A 221 -10.49 -11.23 -15.35
N LYS A 222 -10.22 -12.49 -15.71
CA LYS A 222 -9.58 -13.43 -14.78
C LYS A 222 -8.07 -13.22 -14.82
N GLY A 223 -7.41 -13.59 -13.73
CA GLY A 223 -5.95 -13.50 -13.62
C GLY A 223 -5.20 -14.07 -14.81
N SER A 224 -5.62 -15.24 -15.26
CA SER A 224 -5.01 -15.94 -16.41
C SER A 224 -5.14 -15.13 -17.70
N GLU A 225 -6.27 -14.46 -17.85
CA GLU A 225 -6.52 -13.56 -18.98
C GLU A 225 -5.70 -12.27 -18.85
N VAL A 226 -5.50 -11.81 -17.60
CA VAL A 226 -4.63 -10.66 -17.33
C VAL A 226 -3.18 -11.00 -17.66
N THR A 227 -2.74 -12.15 -17.17
CA THR A 227 -1.41 -12.68 -17.49
C THR A 227 -1.21 -12.77 -19.01
N ALA A 228 -2.22 -13.28 -19.70
CA ALA A 228 -2.20 -13.41 -21.16
C ALA A 228 -2.12 -12.05 -21.85
N MET A 229 -2.95 -11.11 -21.40
CA MET A 229 -2.93 -9.74 -21.93
C MET A 229 -1.53 -9.13 -21.85
N LEU A 230 -0.92 -9.21 -20.66
CA LEU A 230 0.39 -8.61 -20.41
C LEU A 230 1.51 -9.24 -21.22
N GLU A 231 1.45 -10.57 -21.34
CA GLU A 231 2.39 -11.33 -22.18
C GLU A 231 2.43 -10.88 -23.65
N LYS A 232 1.25 -10.57 -24.19
CA LYS A 232 1.12 -9.99 -25.53
C LYS A 232 1.59 -8.52 -25.65
N GLY A 233 2.01 -7.90 -24.55
CA GLY A 233 2.52 -6.53 -24.55
C GLY A 233 1.42 -5.51 -24.36
N GLU A 234 0.20 -5.97 -24.07
CA GLU A 234 -0.93 -5.08 -23.90
C GLU A 234 -0.96 -4.56 -22.48
N ARG A 235 -1.36 -3.30 -22.36
CA ARG A 235 -1.41 -2.60 -21.10
C ARG A 235 -2.73 -1.85 -21.02
N MET A 236 -3.15 -1.53 -19.80
CA MET A 236 -4.34 -0.73 -19.58
C MET A 236 -4.17 0.65 -20.20
N GLY A 237 -5.27 1.20 -20.71
CA GLY A 237 -5.28 2.52 -21.36
C GLY A 237 -5.11 3.70 -20.42
N CYS A 238 -4.97 4.89 -21.01
CA CYS A 238 -4.75 6.12 -20.23
C CYS A 238 -6.04 6.67 -19.67
N PRO A 239 -6.20 6.70 -18.32
CA PRO A 239 -7.50 7.13 -17.78
C PRO A 239 -7.90 8.55 -18.18
N ALA A 240 -9.21 8.76 -18.34
CA ALA A 240 -9.79 10.07 -18.61
C ALA A 240 -9.19 11.18 -17.73
N GLY A 241 -8.70 12.24 -18.35
CA GLY A 241 -8.10 13.38 -17.63
C GLY A 241 -6.72 13.15 -17.01
N CYS A 242 -6.13 11.98 -17.21
CA CYS A 242 -4.81 11.68 -16.64
C CYS A 242 -3.77 12.35 -17.50
N PRO A 243 -2.92 13.22 -16.91
CA PRO A 243 -1.84 13.81 -17.72
C PRO A 243 -1.00 12.74 -18.40
N ARG A 244 -0.61 13.00 -19.65
CA ARG A 244 0.12 12.02 -20.47
C ARG A 244 1.42 11.55 -19.80
N GLU A 245 2.08 12.46 -19.09
CA GLU A 245 3.34 12.17 -18.42
C GLU A 245 3.16 11.18 -17.27
N MET A 246 2.01 11.23 -16.60
CA MET A 246 1.66 10.26 -15.54
C MET A 246 1.35 8.89 -16.13
N TYR A 247 0.68 8.85 -17.28
CA TYR A 247 0.46 7.60 -18.00
C TYR A 247 1.78 7.02 -18.52
N ASP A 248 2.66 7.88 -19.02
CA ASP A 248 4.01 7.44 -19.38
C ASP A 248 4.67 6.71 -18.21
N LEU A 249 4.58 7.29 -17.01
CA LEU A 249 5.17 6.69 -15.83
C LEU A 249 4.56 5.32 -15.50
N MET A 250 3.23 5.18 -15.63
CA MET A 250 2.56 3.88 -15.44
C MET A 250 3.14 2.81 -16.33
N ASN A 251 3.24 3.12 -17.63
CA ASN A 251 3.84 2.20 -18.60
C ASN A 251 5.28 1.85 -18.29
N LEU A 252 6.05 2.83 -17.83
CA LEU A 252 7.42 2.58 -17.39
C LEU A 252 7.44 1.63 -16.19
N CYS A 253 6.48 1.79 -15.27
CA CYS A 253 6.32 0.86 -14.14
C CYS A 253 5.95 -0.53 -14.62
N TRP A 254 5.21 -0.61 -15.72
CA TRP A 254 4.85 -1.88 -16.35
C TRP A 254 5.85 -2.35 -17.39
N THR A 255 7.14 -2.08 -17.16
CA THR A 255 8.21 -2.63 -17.98
C THR A 255 8.31 -4.12 -17.63
N TYR A 256 8.18 -4.95 -18.67
CA TYR A 256 8.17 -6.41 -18.49
C TYR A 256 9.48 -6.90 -17.89
N ASP A 257 10.59 -6.44 -18.45
CA ASP A 257 11.92 -6.83 -18.00
C ASP A 257 12.24 -6.15 -16.67
N VAL A 258 12.31 -6.95 -15.60
CA VAL A 258 12.61 -6.45 -14.24
C VAL A 258 13.85 -5.55 -14.17
N GLU A 259 14.91 -5.96 -14.86
CA GLU A 259 16.20 -5.25 -14.79
C GLU A 259 16.13 -3.86 -15.40
N ASN A 260 15.36 -3.71 -16.49
CA ASN A 260 15.14 -2.40 -17.11
C ASN A 260 14.05 -1.55 -16.47
N ARG A 261 13.15 -2.19 -15.72
CA ARG A 261 12.10 -1.47 -14.98
C ARG A 261 12.75 -0.63 -13.89
N PRO A 262 12.33 0.64 -13.74
CA PRO A 262 12.97 1.50 -12.75
C PRO A 262 12.69 1.11 -11.30
N GLY A 263 13.50 1.65 -10.39
CA GLY A 263 13.29 1.52 -8.95
C GLY A 263 12.52 2.72 -8.46
N PHE A 264 12.20 2.72 -7.17
CA PHE A 264 11.41 3.81 -6.58
C PHE A 264 12.16 5.14 -6.52
N ALA A 265 13.49 5.12 -6.41
CA ALA A 265 14.26 6.36 -6.48
C ALA A 265 13.90 7.12 -7.76
N ALA A 266 14.04 6.44 -8.90
CA ALA A 266 13.73 7.04 -10.20
C ALA A 266 12.23 7.35 -10.39
N VAL A 267 11.36 6.48 -9.88
CA VAL A 267 9.91 6.70 -9.96
C VAL A 267 9.53 7.91 -9.11
N GLU A 268 10.04 7.96 -7.88
CA GLU A 268 9.82 9.09 -6.99
C GLU A 268 10.37 10.36 -7.61
N LEU A 269 11.58 10.29 -8.14
CA LEU A 269 12.23 11.46 -8.73
C LEU A 269 11.43 12.05 -9.87
N ARG A 270 10.89 11.19 -10.75
CA ARG A 270 10.01 11.64 -11.83
C ARG A 270 8.72 12.29 -11.33
N LEU A 271 8.12 11.73 -10.28
CA LEU A 271 6.90 12.30 -9.69
C LEU A 271 7.17 13.64 -9.01
N ARG A 272 8.28 13.71 -8.28
CA ARG A 272 8.69 14.93 -7.57
C ARG A 272 8.82 16.10 -8.55
N ASN A 273 9.59 15.89 -9.62
CA ASN A 273 9.82 16.92 -10.65
C ASN A 273 8.54 17.40 -11.30
N TYR A 274 7.71 16.44 -11.72
CA TYR A 274 6.45 16.74 -12.37
C TYR A 274 5.52 17.54 -11.46
N TYR A 275 5.45 17.13 -10.19
CA TYR A 275 4.56 17.76 -9.22
C TYR A 275 4.90 19.22 -8.98
N TYR A 276 6.18 19.49 -8.71
CA TYR A 276 6.63 20.85 -8.42
C TYR A 276 6.71 21.73 -9.67
N ASP A 277 6.65 21.12 -10.86
CA ASP A 277 6.37 21.86 -12.10
C ASP A 277 4.90 22.33 -12.14
N VAL A 278 3.98 21.48 -11.68
CA VAL A 278 2.55 21.85 -11.59
C VAL A 278 2.29 22.98 -10.58
N VAL A 279 3.06 23.05 -9.48
CA VAL A 279 2.93 24.16 -8.52
C VAL A 279 3.60 25.45 -9.03
N ASN A 280 4.57 25.33 -9.94
CA ASN A 280 5.12 26.50 -10.64
C ASN A 280 4.18 26.94 -11.76
C4 X4G B . -6.24 1.06 9.24
C5 X4G B . -5.22 1.78 9.91
C6 X4G B . -5.43 3.13 10.16
N1 X4G B . -6.55 3.73 9.77
N3 X4G B . -7.34 1.76 8.85
OAE X4G B . -8.31 -1.22 3.10
CBE X4G B . -7.26 -2.04 3.58
CAQ X4G B . -7.15 -1.80 5.07
CAN X4G B . -7.68 -3.50 3.43
CAO X4G B . -7.80 -4.03 4.86
NBF X4G B . -6.99 -3.12 5.68
CAP X4G B . -7.45 -3.11 7.07
CBA X4G B . -6.66 -2.08 7.89
CAK X4G B . -7.05 -0.85 8.12
CAX X4G B . -5.44 -2.23 8.51
CAC X4G B . -4.57 -3.50 8.51
CAJ X4G B . -5.12 -1.09 9.10
NBG X4G B . -6.13 -0.23 8.89
F5 X4G B . -4.06 1.24 10.33
C2 X4G B . -7.52 3.08 9.11
NAT X4G B . -8.58 3.84 8.76
CAZ X4G B . -9.68 3.47 8.04
CAI X4G B . -9.84 2.24 7.39
CAW X4G B . -11.00 1.95 6.66
CAB X4G B . -11.15 0.61 5.96
CAH X4G B . -10.72 4.40 7.93
CAV X4G B . -11.87 4.13 7.20
CAA X4G B . -12.98 5.19 7.12
CBC X4G B . -12.01 2.89 6.57
OAU X4G B . -13.13 2.60 5.87
CAM X4G B . -14.10 1.97 6.70
CAL X4G B . -15.21 1.56 5.72
OAD X4G B . -15.78 2.74 5.13
#